data_7Z3E
#
_entry.id   7Z3E
#
_cell.length_a   61.237
_cell.length_b   125.795
_cell.length_c   144.770
_cell.angle_alpha   90.000
_cell.angle_beta   90.000
_cell.angle_gamma   90.000
#
_symmetry.space_group_name_H-M   'C 2 2 21'
#
loop_
_entity.id
_entity.type
_entity.pdbx_description
1 polymer 'Ribonucleoside-diphosphate reductase subunit beta'
2 polymer 'Protein NrdI'
3 non-polymer 'MANGANESE (II) ION'
4 non-polymer 1-DEOXY-1-(7,8-DIMETHYL-2,4-DIOXO-3,4-DIHYDRO-2H-BENZO[G]PTERIDIN-1-ID-10(5H)-YL)-5-O-PHOSPHONATO-D-RIBITOL
5 non-polymer 'UNKNOWN ATOM OR ION'
6 water water
#
loop_
_entity_poly.entity_id
_entity_poly.type
_entity_poly.pdbx_seq_one_letter_code
_entity_poly.pdbx_strand_id
1 'polypeptide(L)'
;MRAVNWNKKEDDFSLMFWKQNIAQFWTEEEIAVSSDKNTWVQLSKEEQIAYKRVLGGLTLLDTKQGGEGMPLVLVHLENL
QAKSVLAFMGAMEEVHAKSYSHIFTTLATEEEIDDIFDWVDNHPLLEKKAGIITSYYRRLLKPEVTKKELYMAMVASVFL
ESYLFYSGFFYPLYLAGQGKLTASGEIINLIIRDESIHGVFVGILAQQIFAELSAEEQQEVQKETQELLMELYEIEMAYT
EEIYTSIGLVEDVNRFVRYNANKGLMNLGLEPKFEEEEINPIVLNGLRTDTKNHDFFSVKGNGYVKATNVEKLADDDFVF
NF
;
A
2 'polypeptide(L)'
;MLVAYDSMTGNVKRFIHKLNMPAVQIDEDLVIDEDFILITYTTGFGNVPERVLDFLERNNEKLKGVSASGNRNWGDMFGA
SADKISTKYEVPIVSKFELSGTNNDVEYFKERVREIATH
;
B
#
loop_
_chem_comp.id
_chem_comp.type
_chem_comp.name
_chem_comp.formula
FNR non-polymer 1-DEOXY-1-(7,8-DIMETHYL-2,4-DIOXO-3,4-DIHYDRO-2H-BENZO[G]PTERIDIN-1-ID-10(5H)-YL)-5-O-PHOSPHONATO-D-RIBITOL 'C17 H23 N4 O9 P'
MN non-polymer 'MANGANESE (II) ION' 'Mn 2'
UNX non-polymer 'UNKNOWN ATOM OR ION' ?
#
# COMPACT_ATOMS: atom_id res chain seq x y z
N MET A 1 -27.26 8.48 22.15
CA MET A 1 -26.10 7.90 21.47
C MET A 1 -26.35 7.79 19.97
N ARG A 2 -25.29 7.97 19.17
CA ARG A 2 -25.40 8.09 17.73
C ARG A 2 -25.38 6.72 17.06
N ALA A 3 -26.30 6.52 16.11
CA ALA A 3 -26.29 5.37 15.24
C ALA A 3 -25.69 5.77 13.89
N VAL A 4 -25.06 4.82 13.19
CA VAL A 4 -24.41 5.17 11.93
C VAL A 4 -25.48 5.39 10.86
N ASN A 5 -25.38 6.52 10.16
CA ASN A 5 -26.36 6.93 9.15
C ASN A 5 -25.63 7.09 7.80
N TRP A 6 -25.77 6.10 6.92
CA TRP A 6 -25.04 6.15 5.66
C TRP A 6 -25.73 6.99 4.62
N ASN A 7 -26.90 7.56 4.93
CA ASN A 7 -27.55 8.47 4.02
C ASN A 7 -27.10 9.92 4.18
N LYS A 8 -26.22 10.21 5.14
CA LYS A 8 -25.56 11.50 5.27
C LYS A 8 -24.08 11.22 5.47
N LYS A 9 -23.25 11.68 4.54
CA LYS A 9 -21.85 11.27 4.56
C LYS A 9 -21.10 12.05 5.62
N GLU A 10 -20.31 11.34 6.41
CA GLU A 10 -19.52 11.94 7.47
C GLU A 10 -18.18 12.46 6.98
N ASP A 11 -17.71 11.98 5.83
CA ASP A 11 -16.48 12.42 5.20
C ASP A 11 -16.61 12.14 3.70
N ASP A 12 -15.59 12.53 2.93
CA ASP A 12 -15.64 12.35 1.49
C ASP A 12 -15.07 11.01 1.02
N PHE A 13 -14.66 10.11 1.90
N PHE A 13 -14.63 10.14 1.92
CA PHE A 13 -13.89 8.95 1.46
CA PHE A 13 -13.84 8.98 1.54
C PHE A 13 -14.35 7.62 2.02
C PHE A 13 -14.41 7.64 1.99
N SER A 14 -15.10 7.57 3.13
CA SER A 14 -15.41 6.28 3.75
C SER A 14 -16.27 5.39 2.85
N LEU A 15 -17.21 5.97 2.12
CA LEU A 15 -18.10 5.14 1.31
C LEU A 15 -17.33 4.46 0.19
N MET A 16 -16.46 5.19 -0.49
CA MET A 16 -15.68 4.59 -1.57
C MET A 16 -14.79 3.48 -1.04
N PHE A 17 -14.19 3.66 0.15
CA PHE A 17 -13.34 2.61 0.70
C PHE A 17 -14.14 1.43 1.25
N TRP A 18 -15.34 1.70 1.80
CA TRP A 18 -16.23 0.59 2.16
C TRP A 18 -16.49 -0.30 0.96
N LYS A 19 -16.91 0.30 -0.16
CA LYS A 19 -17.22 -0.47 -1.35
C LYS A 19 -15.99 -1.21 -1.90
N GLN A 20 -14.83 -0.56 -1.88
CA GLN A 20 -13.63 -1.21 -2.40
C GLN A 20 -13.24 -2.42 -1.54
N ASN A 21 -13.37 -2.32 -0.22
N ASN A 21 -13.29 -2.28 -0.21
CA ASN A 21 -13.01 -3.45 0.64
CA ASN A 21 -13.09 -3.42 0.69
C ASN A 21 -13.90 -4.66 0.41
C ASN A 21 -13.86 -4.63 0.18
N ILE A 22 -15.17 -4.45 0.04
CA ILE A 22 -16.03 -5.58 -0.28
C ILE A 22 -15.77 -6.09 -1.69
N ALA A 23 -15.50 -5.19 -2.64
CA ALA A 23 -15.18 -5.68 -3.98
C ALA A 23 -13.92 -6.53 -3.97
N GLN A 24 -13.01 -6.28 -3.04
CA GLN A 24 -11.77 -7.05 -2.94
C GLN A 24 -11.91 -8.29 -2.04
N PHE A 25 -13.12 -8.60 -1.57
CA PHE A 25 -13.27 -9.71 -0.64
C PHE A 25 -12.83 -11.02 -1.27
N TRP A 26 -12.10 -11.82 -0.52
CA TRP A 26 -11.61 -13.11 -0.99
C TRP A 26 -11.34 -13.97 0.24
N THR A 27 -11.27 -15.27 0.04
CA THR A 27 -10.93 -16.22 1.10
C THR A 27 -9.99 -17.27 0.53
N GLU A 28 -9.19 -17.90 1.40
CA GLU A 28 -8.13 -18.80 0.93
C GLU A 28 -8.65 -20.00 0.14
N GLU A 29 -9.91 -20.40 0.32
CA GLU A 29 -10.44 -21.54 -0.44
C GLU A 29 -10.50 -21.28 -1.93
N GLU A 30 -10.36 -20.03 -2.35
CA GLU A 30 -10.43 -19.70 -3.77
C GLU A 30 -9.14 -20.02 -4.52
N ILE A 31 -8.02 -20.23 -3.82
CA ILE A 31 -6.72 -20.48 -4.46
C ILE A 31 -6.15 -21.80 -3.94
N ALA A 32 -6.13 -22.83 -4.79
CA ALA A 32 -5.44 -24.06 -4.46
C ALA A 32 -3.94 -23.88 -4.65
N VAL A 33 -3.14 -24.32 -3.67
CA VAL A 33 -1.70 -24.14 -3.70
C VAL A 33 -0.95 -25.47 -3.83
N SER A 34 -1.66 -26.58 -4.05
CA SER A 34 -0.98 -27.87 -4.08
C SER A 34 -0.03 -28.00 -5.26
N SER A 35 -0.33 -27.35 -6.39
CA SER A 35 0.57 -27.44 -7.52
C SER A 35 1.93 -26.78 -7.25
N ASP A 36 2.07 -26.01 -6.17
CA ASP A 36 3.34 -25.38 -5.87
C ASP A 36 4.41 -26.37 -5.44
N LYS A 37 4.04 -27.55 -4.94
CA LYS A 37 5.09 -28.43 -4.42
C LYS A 37 6.02 -28.91 -5.52
N ASN A 38 5.59 -28.85 -6.78
CA ASN A 38 6.49 -29.24 -7.86
C ASN A 38 7.71 -28.32 -7.94
N THR A 39 7.52 -27.03 -7.70
CA THR A 39 8.66 -26.12 -7.68
C THR A 39 9.26 -25.97 -6.28
N TRP A 40 8.52 -26.31 -5.23
CA TRP A 40 9.05 -26.19 -3.87
C TRP A 40 10.19 -27.20 -3.64
N VAL A 41 10.09 -28.40 -4.21
CA VAL A 41 11.15 -29.38 -4.06
C VAL A 41 12.40 -29.02 -4.85
N GLN A 42 12.30 -28.07 -5.79
CA GLN A 42 13.45 -27.60 -6.53
C GLN A 42 14.28 -26.57 -5.78
N LEU A 43 13.76 -26.00 -4.69
CA LEU A 43 14.50 -25.02 -3.92
C LEU A 43 15.51 -25.71 -3.00
N SER A 44 16.64 -25.05 -2.81
CA SER A 44 17.61 -25.52 -1.84
C SER A 44 17.04 -25.42 -0.42
N LYS A 45 17.72 -26.10 0.51
CA LYS A 45 17.32 -26.07 1.91
C LYS A 45 17.36 -24.64 2.46
N GLU A 46 18.39 -23.87 2.13
CA GLU A 46 18.49 -22.51 2.64
C GLU A 46 17.35 -21.64 2.10
N GLU A 47 16.93 -21.89 0.86
CA GLU A 47 15.81 -21.16 0.28
C GLU A 47 14.51 -21.51 0.97
N GLN A 48 14.31 -22.79 1.30
CA GLN A 48 13.06 -23.20 1.97
C GLN A 48 12.97 -22.61 3.36
N ILE A 49 14.07 -22.58 4.10
CA ILE A 49 14.05 -22.03 5.46
C ILE A 49 13.72 -20.55 5.42
N ALA A 50 14.34 -19.82 4.50
CA ALA A 50 14.04 -18.39 4.36
C ALA A 50 12.56 -18.17 4.08
N TYR A 51 11.98 -19.01 3.23
CA TYR A 51 10.57 -18.84 2.85
C TYR A 51 9.64 -19.11 4.03
N LYS A 52 9.89 -20.19 4.77
CA LYS A 52 9.07 -20.48 5.94
C LYS A 52 9.22 -19.41 7.01
N ARG A 53 10.44 -18.87 7.17
CA ARG A 53 10.67 -17.85 8.19
C ARG A 53 9.95 -16.54 7.85
N VAL A 54 10.00 -16.09 6.59
CA VAL A 54 9.31 -14.85 6.26
C VAL A 54 7.79 -15.00 6.41
N LEU A 55 7.24 -16.17 6.07
CA LEU A 55 5.79 -16.36 6.23
C LEU A 55 5.40 -16.36 7.70
N GLY A 56 6.20 -17.00 8.56
CA GLY A 56 5.94 -16.91 9.98
C GLY A 56 5.93 -15.48 10.47
N GLY A 57 6.88 -14.67 9.98
CA GLY A 57 6.94 -13.28 10.40
C GLY A 57 5.74 -12.48 9.91
N LEU A 58 5.32 -12.73 8.66
CA LEU A 58 4.10 -12.08 8.16
C LEU A 58 2.89 -12.50 8.97
N THR A 59 2.80 -13.78 9.33
CA THR A 59 1.65 -14.24 10.11
C THR A 59 1.56 -13.49 11.42
N LEU A 60 2.70 -13.29 12.09
CA LEU A 60 2.73 -12.55 13.34
C LEU A 60 2.19 -11.13 13.14
N LEU A 61 2.67 -10.43 12.09
CA LEU A 61 2.27 -9.05 11.91
C LEU A 61 0.77 -8.91 11.63
N ASP A 62 0.21 -9.78 10.77
CA ASP A 62 -1.22 -9.74 10.53
C ASP A 62 -2.01 -10.09 11.78
N THR A 63 -1.51 -11.03 12.59
CA THR A 63 -2.19 -11.36 13.87
C THR A 63 -2.34 -10.10 14.74
N LYS A 64 -1.26 -9.31 14.85
CA LYS A 64 -1.29 -8.13 15.69
C LYS A 64 -2.18 -7.05 15.11
N GLN A 65 -2.20 -6.93 13.79
CA GLN A 65 -3.01 -5.89 13.16
C GLN A 65 -4.50 -6.19 13.28
N GLY A 66 -4.89 -7.45 13.12
CA GLY A 66 -6.29 -7.80 13.24
C GLY A 66 -6.78 -7.86 14.67
N GLY A 67 -5.90 -8.22 15.60
CA GLY A 67 -6.31 -8.41 16.98
C GLY A 67 -6.01 -7.27 17.92
N GLU A 68 -5.26 -6.26 17.47
CA GLU A 68 -4.90 -5.13 18.33
C GLU A 68 -4.97 -3.81 17.57
N GLY A 69 -4.32 -3.75 16.41
CA GLY A 69 -4.21 -2.52 15.65
C GLY A 69 -5.54 -1.92 15.22
N MET A 70 -6.31 -2.64 14.40
CA MET A 70 -7.58 -2.10 13.93
C MET A 70 -8.58 -1.93 15.07
N PRO A 71 -8.79 -2.91 15.96
CA PRO A 71 -9.83 -2.72 16.99
C PRO A 71 -9.53 -1.58 17.95
N LEU A 72 -8.27 -1.37 18.34
CA LEU A 72 -8.04 -0.31 19.32
C LEU A 72 -8.06 1.09 18.69
N VAL A 73 -7.68 1.21 17.41
CA VAL A 73 -7.84 2.49 16.72
C VAL A 73 -9.32 2.78 16.50
N LEU A 74 -10.07 1.80 15.98
CA LEU A 74 -11.45 2.10 15.60
C LEU A 74 -12.32 2.43 16.82
N VAL A 75 -12.03 1.85 17.98
CA VAL A 75 -12.90 2.08 19.13
CA VAL A 75 -12.87 2.07 19.15
C VAL A 75 -12.85 3.53 19.58
N HIS A 76 -11.77 4.26 19.29
CA HIS A 76 -11.69 5.65 19.70
C HIS A 76 -12.07 6.65 18.62
N LEU A 77 -12.45 6.18 17.44
CA LEU A 77 -12.85 7.10 16.36
C LEU A 77 -14.27 7.59 16.59
N GLU A 78 -14.53 8.85 16.32
CA GLU A 78 -15.89 9.38 16.42
C GLU A 78 -16.65 9.31 15.10
N ASN A 79 -15.94 9.18 13.99
CA ASN A 79 -16.54 9.08 12.67
C ASN A 79 -17.03 7.65 12.51
N LEU A 80 -18.37 7.49 12.44
CA LEU A 80 -18.94 6.15 12.50
C LEU A 80 -18.82 5.42 11.17
N GLN A 81 -18.76 6.17 10.08
CA GLN A 81 -18.55 5.54 8.79
C GLN A 81 -17.11 5.06 8.65
N ALA A 82 -16.13 5.88 9.08
CA ALA A 82 -14.73 5.43 9.06
C ALA A 82 -14.52 4.25 10.00
N LYS A 83 -15.17 4.27 11.17
CA LYS A 83 -15.13 3.15 12.09
C LYS A 83 -15.55 1.85 11.41
N SER A 84 -16.61 1.92 10.61
CA SER A 84 -17.12 0.76 9.88
C SER A 84 -16.07 0.20 8.93
N VAL A 85 -15.39 1.07 8.18
CA VAL A 85 -14.36 0.62 7.24
C VAL A 85 -13.24 -0.12 7.96
N LEU A 86 -12.80 0.41 9.11
CA LEU A 86 -11.70 -0.20 9.85
C LEU A 86 -12.09 -1.56 10.42
N ALA A 87 -13.34 -1.71 10.86
CA ALA A 87 -13.80 -3.02 11.35
C ALA A 87 -13.69 -4.07 10.24
N PHE A 88 -14.05 -3.70 9.01
CA PHE A 88 -13.95 -4.67 7.93
C PHE A 88 -12.49 -4.94 7.59
N MET A 89 -11.67 -3.89 7.53
N MET A 89 -11.66 -3.90 7.55
CA MET A 89 -10.23 -4.09 7.34
CA MET A 89 -10.24 -4.10 7.32
C MET A 89 -9.66 -5.06 8.37
C MET A 89 -9.62 -5.02 8.39
N GLY A 90 -10.09 -4.92 9.64
CA GLY A 90 -9.57 -5.78 10.69
C GLY A 90 -9.96 -7.25 10.47
N ALA A 91 -11.17 -7.48 9.99
CA ALA A 91 -11.59 -8.84 9.62
C ALA A 91 -10.72 -9.39 8.50
N MET A 92 -10.37 -8.56 7.51
CA MET A 92 -9.54 -9.06 6.41
C MET A 92 -8.11 -9.37 6.86
N GLU A 93 -7.62 -8.70 7.91
CA GLU A 93 -6.32 -9.09 8.49
C GLU A 93 -6.36 -10.52 9.01
N GLU A 94 -7.51 -10.96 9.52
CA GLU A 94 -7.60 -12.34 9.99
C GLU A 94 -7.69 -13.31 8.82
N VAL A 95 -8.33 -12.90 7.71
CA VAL A 95 -8.31 -13.72 6.50
C VAL A 95 -6.88 -13.88 5.98
N HIS A 96 -6.11 -12.80 5.98
CA HIS A 96 -4.71 -12.85 5.59
C HIS A 96 -3.93 -13.84 6.43
N ALA A 97 -4.01 -13.69 7.76
CA ALA A 97 -3.25 -14.54 8.66
C ALA A 97 -3.60 -16.00 8.43
N LYS A 98 -4.88 -16.30 8.27
CA LYS A 98 -5.30 -17.67 8.05
C LYS A 98 -4.76 -18.20 6.71
N SER A 99 -4.68 -17.33 5.71
CA SER A 99 -4.22 -17.76 4.38
C SER A 99 -2.77 -18.25 4.42
N TYR A 100 -1.92 -17.70 5.30
CA TYR A 100 -0.57 -18.24 5.42
C TYR A 100 -0.57 -19.67 5.92
N SER A 101 -1.53 -20.04 6.79
CA SER A 101 -1.60 -21.44 7.23
C SER A 101 -1.97 -22.37 6.08
N HIS A 102 -2.83 -21.88 5.17
CA HIS A 102 -3.20 -22.62 3.97
C HIS A 102 -1.97 -22.93 3.11
N ILE A 103 -1.04 -21.96 3.02
CA ILE A 103 0.22 -22.21 2.30
C ILE A 103 1.06 -23.24 3.04
N PHE A 104 1.27 -23.05 4.35
CA PHE A 104 2.07 -23.98 5.15
C PHE A 104 1.58 -25.41 5.01
N THR A 105 0.26 -25.63 5.03
CA THR A 105 -0.26 -27.00 5.03
C THR A 105 0.25 -27.79 3.84
N THR A 106 0.56 -27.04 2.80
CA THR A 106 0.97 -27.71 1.56
C THR A 106 2.47 -27.96 1.56
N LEU A 107 3.20 -27.02 2.08
CA LEU A 107 4.65 -27.02 1.95
C LEU A 107 5.38 -27.75 3.07
N ALA A 108 4.74 -28.00 4.21
CA ALA A 108 5.46 -28.48 5.37
C ALA A 108 4.59 -29.46 6.16
N THR A 109 5.26 -30.33 6.92
CA THR A 109 4.52 -31.26 7.78
C THR A 109 4.08 -30.56 9.08
N GLU A 110 3.23 -31.27 9.81
CA GLU A 110 2.71 -30.76 11.09
C GLU A 110 3.82 -30.31 12.02
N GLU A 111 4.86 -31.14 12.14
CA GLU A 111 6.01 -30.85 13.03
C GLU A 111 6.84 -29.70 12.48
N GLU A 112 7.05 -29.62 11.16
CA GLU A 112 7.75 -28.47 10.60
C GLU A 112 7.01 -27.18 10.93
N ILE A 113 5.68 -27.22 10.87
CA ILE A 113 4.91 -25.99 11.08
C ILE A 113 4.99 -25.55 12.53
N ASP A 114 4.88 -26.49 13.47
CA ASP A 114 5.04 -26.15 14.89
C ASP A 114 6.40 -25.52 15.15
N ASP A 115 7.47 -26.07 14.54
CA ASP A 115 8.80 -25.53 14.75
C ASP A 115 8.89 -24.08 14.29
N ILE A 116 8.33 -23.78 13.12
CA ILE A 116 8.36 -22.41 12.62
C ILE A 116 7.62 -21.47 13.57
N PHE A 117 6.47 -21.89 14.10
CA PHE A 117 5.74 -21.01 15.00
C PHE A 117 6.43 -20.89 16.35
N ASP A 118 7.09 -21.95 16.84
CA ASP A 118 7.96 -21.80 18.00
C ASP A 118 9.05 -20.75 17.74
N TRP A 119 9.67 -20.80 16.57
CA TRP A 119 10.71 -19.85 16.21
C TRP A 119 10.19 -18.42 16.22
N VAL A 120 9.01 -18.19 15.62
CA VAL A 120 8.40 -16.86 15.57
C VAL A 120 8.17 -16.33 16.99
N ASP A 121 7.55 -17.14 17.85
CA ASP A 121 7.19 -16.69 19.19
C ASP A 121 8.43 -16.25 19.98
N ASN A 122 9.52 -16.97 19.84
CA ASN A 122 10.67 -16.74 20.71
C ASN A 122 11.78 -15.93 20.05
N HIS A 123 11.59 -15.44 18.85
CA HIS A 123 12.65 -14.71 18.17
C HIS A 123 12.79 -13.31 18.76
N PRO A 124 13.93 -12.97 19.37
CA PRO A 124 14.07 -11.64 19.98
C PRO A 124 13.86 -10.49 19.00
N LEU A 125 14.25 -10.65 17.74
CA LEU A 125 14.09 -9.54 16.80
C LEU A 125 12.64 -9.30 16.43
N LEU A 126 11.86 -10.37 16.20
CA LEU A 126 10.44 -10.19 15.93
C LEU A 126 9.72 -9.62 17.13
N GLU A 127 10.08 -10.09 18.32
CA GLU A 127 9.49 -9.54 19.54
C GLU A 127 9.69 -8.03 19.63
N LYS A 128 10.92 -7.57 19.36
CA LYS A 128 11.20 -6.15 19.45
C LYS A 128 10.47 -5.36 18.38
N LYS A 129 10.45 -5.88 17.15
N LYS A 129 10.47 -5.88 17.15
CA LYS A 129 9.76 -5.23 16.05
CA LYS A 129 9.75 -5.22 16.06
C LYS A 129 8.26 -5.12 16.32
C LYS A 129 8.27 -5.11 16.36
N ALA A 130 7.62 -6.24 16.67
CA ALA A 130 6.20 -6.21 16.96
C ALA A 130 5.92 -5.39 18.22
N GLY A 131 6.81 -5.48 19.21
CA GLY A 131 6.60 -4.74 20.45
C GLY A 131 6.62 -3.24 20.28
N ILE A 132 7.46 -2.74 19.36
CA ILE A 132 7.51 -1.31 19.12
C ILE A 132 6.18 -0.84 18.53
N ILE A 133 5.66 -1.58 17.55
CA ILE A 133 4.41 -1.18 16.91
C ILE A 133 3.26 -1.23 17.91
N THR A 134 3.12 -2.36 18.61
CA THR A 134 1.95 -2.52 19.47
C THR A 134 2.02 -1.66 20.72
N SER A 135 3.19 -1.12 21.08
CA SER A 135 3.21 -0.20 22.21
C SER A 135 2.44 1.08 21.90
N TYR A 136 2.35 1.46 20.63
CA TYR A 136 1.47 2.58 20.28
C TYR A 136 0.01 2.17 20.37
N TYR A 137 -0.31 0.90 20.11
CA TYR A 137 -1.70 0.46 20.21
C TYR A 137 -2.13 0.34 21.65
N ARG A 138 -1.26 -0.19 22.53
CA ARG A 138 -1.68 -0.46 23.89
C ARG A 138 -1.90 0.81 24.70
N ARG A 139 -1.32 1.94 24.29
N ARG A 139 -1.30 1.93 24.28
CA ARG A 139 -1.63 3.20 24.96
CA ARG A 139 -1.63 3.21 24.92
C ARG A 139 -3.07 3.65 24.73
C ARG A 139 -3.11 3.51 24.84
N LEU A 140 -3.78 3.02 23.79
CA LEU A 140 -5.19 3.33 23.57
C LEU A 140 -6.13 2.48 24.44
N LEU A 141 -5.60 1.60 25.28
CA LEU A 141 -6.42 0.79 26.19
C LEU A 141 -6.72 1.60 27.45
N LYS A 142 -7.52 2.64 27.25
CA LYS A 142 -8.03 3.46 28.34
C LYS A 142 -9.23 4.22 27.81
N PRO A 143 -10.09 4.75 28.68
CA PRO A 143 -11.34 5.34 28.17
C PRO A 143 -11.15 6.59 27.34
N GLU A 144 -10.13 7.40 27.61
CA GLU A 144 -9.94 8.66 26.90
C GLU A 144 -8.52 8.73 26.38
N VAL A 145 -8.37 8.94 25.08
CA VAL A 145 -7.07 9.14 24.46
C VAL A 145 -7.01 10.56 23.91
N THR A 146 -5.80 11.09 23.81
CA THR A 146 -5.63 12.38 23.16
C THR A 146 -5.50 12.21 21.65
N LYS A 147 -5.69 13.31 20.93
CA LYS A 147 -5.51 13.26 19.48
C LYS A 147 -4.07 12.91 19.12
N LYS A 148 -3.10 13.32 19.94
CA LYS A 148 -1.70 12.98 19.68
C LYS A 148 -1.47 11.47 19.79
N GLU A 149 -2.06 10.83 20.81
CA GLU A 149 -1.93 9.38 20.96
C GLU A 149 -2.59 8.65 19.81
N LEU A 150 -3.75 9.13 19.37
CA LEU A 150 -4.43 8.49 18.25
C LEU A 150 -3.67 8.69 16.95
N TYR A 151 -3.11 9.88 16.74
CA TYR A 151 -2.31 10.12 15.54
C TYR A 151 -1.10 9.17 15.48
N MET A 152 -0.35 9.06 16.59
CA MET A 152 0.84 8.21 16.57
C MET A 152 0.49 6.74 16.38
N ALA A 153 -0.72 6.32 16.80
CA ALA A 153 -1.14 4.95 16.58
C ALA A 153 -1.45 4.70 15.11
N MET A 154 -2.02 5.71 14.44
CA MET A 154 -2.27 5.61 13.01
C MET A 154 -0.96 5.62 12.22
N VAL A 155 0.01 6.45 12.62
CA VAL A 155 1.34 6.40 12.01
C VAL A 155 1.94 5.01 12.13
N ALA A 156 1.92 4.45 13.34
CA ALA A 156 2.39 3.10 13.55
C ALA A 156 1.68 2.11 12.62
N SER A 157 0.38 2.26 12.46
CA SER A 157 -0.37 1.34 11.63
C SER A 157 -0.01 1.48 10.15
N VAL A 158 0.11 2.72 9.64
CA VAL A 158 0.55 2.92 8.27
C VAL A 158 1.96 2.35 8.07
N PHE A 159 2.86 2.56 9.04
CA PHE A 159 4.21 2.02 8.87
C PHE A 159 4.19 0.50 8.79
N LEU A 160 3.26 -0.12 9.49
CA LEU A 160 3.12 -1.58 9.39
CA LEU A 160 3.12 -1.58 9.39
C LEU A 160 2.54 -1.98 8.04
N GLU A 161 1.44 -1.34 7.63
N GLU A 161 1.44 -1.36 7.63
CA GLU A 161 0.73 -1.72 6.41
CA GLU A 161 0.75 -1.80 6.42
C GLU A 161 1.58 -1.51 5.17
C GLU A 161 1.55 -1.51 5.16
N SER A 162 2.30 -0.39 5.13
CA SER A 162 2.93 0.07 3.91
C SER A 162 4.43 -0.17 3.86
N TYR A 163 5.02 -0.60 4.98
CA TYR A 163 6.48 -0.59 5.08
C TYR A 163 6.99 -1.87 5.75
N LEU A 164 6.50 -2.19 6.96
CA LEU A 164 7.12 -3.30 7.68
C LEU A 164 6.78 -4.66 7.08
N PHE A 165 5.64 -4.80 6.39
CA PHE A 165 5.36 -6.09 5.76
C PHE A 165 6.40 -6.43 4.69
N TYR A 166 6.99 -5.43 4.03
CA TYR A 166 7.60 -5.69 2.72
C TYR A 166 8.96 -6.38 2.79
N SER A 167 9.69 -6.32 3.91
CA SER A 167 10.85 -7.21 3.99
C SER A 167 10.42 -8.67 3.93
N GLY A 168 9.17 -8.98 4.29
CA GLY A 168 8.66 -10.34 4.15
C GLY A 168 8.03 -10.62 2.80
N PHE A 169 7.21 -9.69 2.28
CA PHE A 169 6.59 -9.86 0.96
C PHE A 169 7.64 -10.04 -0.13
N PHE A 170 8.84 -9.48 0.06
CA PHE A 170 9.86 -9.52 -1.00
C PHE A 170 10.07 -10.94 -1.55
N TYR A 171 10.23 -11.91 -0.69
CA TYR A 171 10.73 -13.19 -1.18
C TYR A 171 9.67 -14.01 -1.94
N PRO A 172 8.42 -14.11 -1.48
CA PRO A 172 7.40 -14.76 -2.33
C PRO A 172 7.24 -14.10 -3.69
N LEU A 173 7.37 -12.77 -3.77
CA LEU A 173 7.28 -12.06 -5.03
C LEU A 173 8.50 -12.34 -5.90
N TYR A 174 9.67 -12.41 -5.27
CA TYR A 174 10.91 -12.69 -6.00
C TYR A 174 10.86 -14.08 -6.63
N LEU A 175 10.38 -15.07 -5.89
CA LEU A 175 10.25 -16.42 -6.43
C LEU A 175 9.17 -16.48 -7.51
N ALA A 176 7.99 -15.90 -7.23
CA ALA A 176 6.90 -15.95 -8.21
C ALA A 176 7.27 -15.23 -9.50
N GLY A 177 8.04 -14.14 -9.40
CA GLY A 177 8.53 -13.46 -10.59
C GLY A 177 9.48 -14.30 -11.43
N GLN A 178 9.99 -15.39 -10.86
CA GLN A 178 10.81 -16.39 -11.56
C GLN A 178 10.04 -17.67 -11.88
N GLY A 179 8.72 -17.68 -11.69
CA GLY A 179 7.93 -18.86 -11.95
C GLY A 179 7.97 -19.93 -10.89
N LYS A 180 8.39 -19.61 -9.66
CA LYS A 180 8.43 -20.58 -8.57
C LYS A 180 7.40 -20.20 -7.50
N LEU A 181 6.70 -21.20 -6.99
CA LEU A 181 5.65 -21.03 -5.97
C LEU A 181 4.66 -19.95 -6.40
N THR A 182 4.09 -20.13 -7.58
CA THR A 182 3.25 -19.09 -8.16
C THR A 182 1.85 -19.08 -7.58
N ALA A 183 1.33 -20.23 -7.13
CA ALA A 183 0.02 -20.24 -6.48
C ALA A 183 0.07 -19.49 -5.16
N SER A 184 1.06 -19.81 -4.32
CA SER A 184 1.31 -19.03 -3.11
C SER A 184 1.49 -17.55 -3.44
N GLY A 185 2.19 -17.25 -4.55
CA GLY A 185 2.36 -15.87 -4.95
C GLY A 185 1.05 -15.15 -5.23
N GLU A 186 0.07 -15.87 -5.78
CA GLU A 186 -1.26 -15.30 -6.01
C GLU A 186 -1.91 -14.83 -4.72
N ILE A 187 -1.80 -15.64 -3.66
CA ILE A 187 -2.36 -15.26 -2.37
C ILE A 187 -1.63 -14.05 -1.82
N ILE A 188 -0.31 -14.02 -1.94
CA ILE A 188 0.46 -12.90 -1.43
C ILE A 188 0.04 -11.62 -2.15
N ASN A 189 -0.22 -11.72 -3.47
CA ASN A 189 -0.67 -10.57 -4.25
C ASN A 189 -2.07 -10.10 -3.82
N LEU A 190 -3.00 -11.04 -3.53
CA LEU A 190 -4.30 -10.64 -2.99
C LEU A 190 -4.15 -9.93 -1.66
N ILE A 191 -3.23 -10.41 -0.81
CA ILE A 191 -2.96 -9.73 0.46
C ILE A 191 -2.44 -8.32 0.22
N ILE A 192 -1.49 -8.17 -0.71
CA ILE A 192 -0.88 -6.88 -0.98
C ILE A 192 -1.92 -5.89 -1.50
N ARG A 193 -2.83 -6.37 -2.34
CA ARG A 193 -3.91 -5.53 -2.84
C ARG A 193 -4.72 -4.94 -1.69
N ASP A 194 -5.03 -5.76 -0.66
CA ASP A 194 -5.73 -5.25 0.51
C ASP A 194 -4.86 -4.26 1.30
N GLU A 195 -3.61 -4.64 1.59
N GLU A 195 -3.61 -4.64 1.57
CA GLU A 195 -2.79 -3.75 2.41
CA GLU A 195 -2.74 -3.77 2.37
C GLU A 195 -2.55 -2.41 1.70
C GLU A 195 -2.53 -2.42 1.70
N SER A 196 -2.51 -2.39 0.37
CA SER A 196 -2.32 -1.13 -0.34
C SER A 196 -3.44 -0.16 -0.03
N ILE A 197 -4.69 -0.63 -0.01
CA ILE A 197 -5.75 0.32 0.29
C ILE A 197 -5.90 0.54 1.80
N HIS A 198 -5.51 -0.44 2.64
CA HIS A 198 -5.50 -0.21 4.08
C HIS A 198 -4.58 0.97 4.46
N GLY A 199 -3.36 0.98 3.90
CA GLY A 199 -2.41 2.02 4.22
C GLY A 199 -2.85 3.39 3.74
N VAL A 200 -3.45 3.45 2.54
CA VAL A 200 -3.99 4.73 2.06
C VAL A 200 -5.08 5.24 3.01
N PHE A 201 -6.00 4.37 3.42
CA PHE A 201 -7.14 4.82 4.20
C PHE A 201 -6.71 5.35 5.58
N VAL A 202 -5.90 4.57 6.30
CA VAL A 202 -5.42 5.02 7.60
C VAL A 202 -4.56 6.26 7.46
N GLY A 203 -3.84 6.39 6.34
CA GLY A 203 -3.07 7.62 6.11
C GLY A 203 -3.95 8.84 5.98
N ILE A 204 -5.08 8.71 5.28
CA ILE A 204 -6.05 9.80 5.17
C ILE A 204 -6.56 10.22 6.53
N LEU A 205 -6.94 9.23 7.35
CA LEU A 205 -7.45 9.51 8.69
C LEU A 205 -6.41 10.23 9.53
N ALA A 206 -5.15 9.79 9.46
CA ALA A 206 -4.08 10.43 10.21
C ALA A 206 -3.93 11.89 9.82
N GLN A 207 -4.01 12.19 8.52
CA GLN A 207 -3.85 13.56 8.06
C GLN A 207 -4.98 14.46 8.53
N GLN A 208 -6.20 13.93 8.63
CA GLN A 208 -7.29 14.72 9.18
C GLN A 208 -7.04 15.06 10.65
N ILE A 209 -6.54 14.10 11.44
CA ILE A 209 -6.25 14.38 12.83
C ILE A 209 -5.08 15.37 12.96
N PHE A 210 -4.05 15.20 12.14
CA PHE A 210 -2.91 16.12 12.17
C PHE A 210 -3.35 17.58 12.11
N ALA A 211 -4.30 17.89 11.24
CA ALA A 211 -4.75 19.28 11.08
C ALA A 211 -5.47 19.80 12.31
N GLU A 212 -5.93 18.93 13.20
CA GLU A 212 -6.57 19.33 14.44
C GLU A 212 -5.60 19.50 15.60
N LEU A 213 -4.33 19.13 15.43
CA LEU A 213 -3.35 19.29 16.50
C LEU A 213 -2.90 20.73 16.60
N SER A 214 -2.47 21.13 17.79
CA SER A 214 -1.88 22.45 17.95
C SER A 214 -0.51 22.49 17.28
N ALA A 215 -0.04 23.70 17.00
CA ALA A 215 1.25 23.89 16.36
C ALA A 215 2.35 23.15 17.11
N GLU A 216 2.33 23.19 18.44
CA GLU A 216 3.37 22.52 19.21
C GLU A 216 3.24 21.00 19.09
N GLU A 217 2.01 20.48 19.07
CA GLU A 217 1.84 19.04 18.95
C GLU A 217 2.20 18.55 17.56
N GLN A 218 1.94 19.35 16.53
CA GLN A 218 2.36 18.97 15.19
C GLN A 218 3.88 18.83 15.13
N GLN A 219 4.60 19.77 15.76
CA GLN A 219 6.06 19.66 15.78
C GLN A 219 6.51 18.42 16.55
N GLU A 220 5.81 18.09 17.64
CA GLU A 220 6.16 16.91 18.43
C GLU A 220 5.95 15.62 17.66
N VAL A 221 4.77 15.46 17.04
CA VAL A 221 4.52 14.22 16.32
C VAL A 221 5.37 14.11 15.06
N GLN A 222 5.76 15.24 14.45
CA GLN A 222 6.65 15.18 13.30
CA GLN A 222 6.65 15.19 13.29
C GLN A 222 8.00 14.59 13.68
N LYS A 223 8.59 15.10 14.77
CA LYS A 223 9.84 14.54 15.26
C LYS A 223 9.69 13.08 15.65
N GLU A 224 8.61 12.74 16.37
CA GLU A 224 8.44 11.37 16.81
C GLU A 224 8.20 10.43 15.63
N THR A 225 7.49 10.90 14.59
CA THR A 225 7.31 10.08 13.39
C THR A 225 8.64 9.78 12.72
N GLN A 226 9.53 10.77 12.66
CA GLN A 226 10.82 10.54 12.01
C GLN A 226 11.68 9.58 12.82
N GLU A 227 11.66 9.71 14.15
CA GLU A 227 12.44 8.80 14.98
C GLU A 227 11.93 7.37 14.87
N LEU A 228 10.60 7.20 14.80
CA LEU A 228 10.01 5.86 14.69
C LEU A 228 10.39 5.22 13.36
N LEU A 229 10.28 5.98 12.26
CA LEU A 229 10.71 5.49 10.95
C LEU A 229 12.13 4.94 11.00
N MET A 230 13.05 5.73 11.51
CA MET A 230 14.47 5.31 11.53
C MET A 230 14.68 4.18 12.54
N GLU A 231 13.99 4.19 13.68
CA GLU A 231 14.13 3.08 14.63
C GLU A 231 13.70 1.76 13.99
N LEU A 232 12.59 1.77 13.27
CA LEU A 232 12.14 0.57 12.58
C LEU A 232 13.09 0.15 11.48
N TYR A 233 13.72 1.14 10.83
CA TYR A 233 14.66 0.84 9.74
C TYR A 233 15.89 0.10 10.27
N GLU A 234 16.45 0.58 11.39
CA GLU A 234 17.53 -0.15 12.04
CA GLU A 234 17.53 -0.16 12.06
C GLU A 234 17.16 -1.60 12.31
N ILE A 235 15.92 -1.84 12.74
CA ILE A 235 15.49 -3.19 13.06
C ILE A 235 15.33 -4.03 11.79
N GLU A 236 14.75 -3.44 10.75
CA GLU A 236 14.59 -4.15 9.47
C GLU A 236 15.95 -4.56 8.90
N MET A 237 16.97 -3.72 9.04
CA MET A 237 18.28 -4.09 8.51
CA MET A 237 18.29 -4.07 8.53
C MET A 237 18.86 -5.28 9.26
N ALA A 238 18.66 -5.34 10.57
CA ALA A 238 19.11 -6.51 11.32
C ALA A 238 18.32 -7.74 10.91
N TYR A 239 17.02 -7.56 10.67
CA TYR A 239 16.15 -8.66 10.27
C TYR A 239 16.52 -9.21 8.90
N THR A 240 16.71 -8.33 7.91
CA THR A 240 17.08 -8.80 6.59
C THR A 240 18.46 -9.47 6.58
N GLU A 241 19.37 -8.97 7.43
CA GLU A 241 20.67 -9.62 7.62
C GLU A 241 20.49 -11.06 8.10
N GLU A 242 19.60 -11.27 9.07
CA GLU A 242 19.42 -12.60 9.63
C GLU A 242 18.74 -13.55 8.64
N ILE A 243 17.77 -13.04 7.87
CA ILE A 243 16.96 -13.91 7.02
C ILE A 243 17.64 -14.21 5.70
N TYR A 244 18.25 -13.21 5.06
CA TYR A 244 18.61 -13.29 3.65
C TYR A 244 20.10 -13.45 3.37
N THR A 245 20.97 -13.38 4.40
CA THR A 245 22.40 -13.52 4.15
C THR A 245 22.72 -14.85 3.48
N SER A 246 22.08 -15.93 3.94
CA SER A 246 22.39 -17.26 3.42
C SER A 246 22.03 -17.41 1.95
N ILE A 247 21.08 -16.64 1.45
CA ILE A 247 20.68 -16.75 0.04
C ILE A 247 21.10 -15.52 -0.76
N GLY A 248 21.99 -14.69 -0.22
CA GLY A 248 22.65 -13.65 -1.00
C GLY A 248 21.76 -12.53 -1.50
N LEU A 249 20.69 -12.20 -0.77
CA LEU A 249 19.71 -11.20 -1.22
C LEU A 249 19.60 -10.00 -0.29
N VAL A 250 20.56 -9.77 0.60
CA VAL A 250 20.40 -8.73 1.63
C VAL A 250 20.25 -7.34 0.99
N GLU A 251 21.14 -7.02 0.05
CA GLU A 251 21.11 -5.68 -0.55
C GLU A 251 19.83 -5.46 -1.34
N ASP A 252 19.38 -6.49 -2.04
CA ASP A 252 18.13 -6.39 -2.79
C ASP A 252 16.95 -6.09 -1.86
N VAL A 253 16.83 -6.81 -0.74
N VAL A 253 16.85 -6.80 -0.73
CA VAL A 253 15.69 -6.60 0.15
CA VAL A 253 15.70 -6.60 0.15
C VAL A 253 15.76 -5.21 0.79
C VAL A 253 15.75 -5.24 0.84
N ASN A 254 16.95 -4.79 1.22
CA ASN A 254 17.08 -3.47 1.84
C ASN A 254 16.61 -2.37 0.89
N ARG A 255 17.00 -2.45 -0.39
CA ARG A 255 16.50 -1.49 -1.37
C ARG A 255 14.97 -1.50 -1.41
N PHE A 256 14.37 -2.69 -1.44
CA PHE A 256 12.92 -2.83 -1.47
C PHE A 256 12.27 -2.27 -0.21
N VAL A 257 12.96 -2.39 0.94
CA VAL A 257 12.45 -1.84 2.20
C VAL A 257 12.40 -0.31 2.14
N ARG A 258 13.51 0.32 1.68
CA ARG A 258 13.53 1.78 1.56
C ARG A 258 12.50 2.27 0.56
N TYR A 259 12.32 1.54 -0.56
CA TYR A 259 11.32 1.88 -1.56
C TYR A 259 9.92 1.93 -0.97
N ASN A 260 9.57 0.95 -0.12
CA ASN A 260 8.23 0.96 0.49
C ASN A 260 8.12 1.91 1.67
N ALA A 261 9.21 2.12 2.42
CA ALA A 261 9.21 3.18 3.43
C ALA A 261 8.82 4.53 2.82
N ASN A 262 9.32 4.83 1.62
CA ASN A 262 8.94 6.07 0.96
C ASN A 262 7.44 6.12 0.65
N LYS A 263 6.87 4.99 0.22
CA LYS A 263 5.42 4.93 -0.03
C LYS A 263 4.62 5.11 1.26
N GLY A 264 5.06 4.49 2.36
CA GLY A 264 4.40 4.68 3.64
C GLY A 264 4.39 6.13 4.08
N LEU A 265 5.50 6.83 3.85
CA LEU A 265 5.58 8.25 4.19
C LEU A 265 4.61 9.06 3.35
N MET A 266 4.54 8.77 2.04
CA MET A 266 3.64 9.49 1.15
C MET A 266 2.17 9.24 1.50
N ASN A 267 1.85 8.05 2.04
CA ASN A 267 0.49 7.77 2.50
C ASN A 267 0.07 8.71 3.63
N LEU A 268 1.03 9.15 4.44
CA LEU A 268 0.83 10.14 5.50
C LEU A 268 0.97 11.57 5.01
N GLY A 269 1.18 11.78 3.72
CA GLY A 269 1.37 13.12 3.21
C GLY A 269 2.73 13.70 3.45
N LEU A 270 3.74 12.88 3.77
CA LEU A 270 5.05 13.39 4.11
C LEU A 270 6.04 13.12 2.97
N GLU A 271 7.13 13.87 2.96
N GLU A 271 7.13 13.88 2.94
CA GLU A 271 8.15 13.74 1.94
CA GLU A 271 8.08 13.71 1.85
C GLU A 271 8.90 12.41 2.10
C GLU A 271 8.96 12.48 2.08
N PRO A 272 9.41 11.83 1.01
CA PRO A 272 10.25 10.63 1.14
C PRO A 272 11.56 10.96 1.85
N LYS A 273 12.12 9.96 2.55
CA LYS A 273 13.38 10.14 3.25
C LYS A 273 14.52 9.30 2.68
N PHE A 274 14.24 8.34 1.81
CA PHE A 274 15.32 7.57 1.22
C PHE A 274 15.44 7.89 -0.26
N GLU A 275 16.65 7.71 -0.78
CA GLU A 275 16.93 7.94 -2.20
C GLU A 275 16.06 7.07 -3.08
N GLU A 276 15.64 7.64 -4.22
CA GLU A 276 14.70 7.00 -5.12
C GLU A 276 15.44 6.02 -6.01
N GLU A 277 15.07 4.74 -5.92
CA GLU A 277 15.59 3.69 -6.77
C GLU A 277 14.41 2.93 -7.36
N GLU A 278 14.62 2.30 -8.52
CA GLU A 278 13.54 1.58 -9.16
C GLU A 278 13.36 0.20 -8.53
N ILE A 279 12.13 -0.31 -8.60
CA ILE A 279 11.81 -1.60 -8.02
C ILE A 279 12.64 -2.71 -8.72
N ASN A 280 13.01 -3.72 -7.95
CA ASN A 280 13.67 -4.90 -8.50
C ASN A 280 12.81 -5.49 -9.62
N PRO A 281 13.36 -5.70 -10.81
CA PRO A 281 12.50 -6.08 -11.94
C PRO A 281 11.89 -7.48 -11.79
N ILE A 282 12.51 -8.38 -11.03
CA ILE A 282 11.93 -9.70 -10.82
C ILE A 282 10.76 -9.61 -9.83
N VAL A 283 10.91 -8.83 -8.76
CA VAL A 283 9.78 -8.57 -7.87
C VAL A 283 8.62 -7.98 -8.66
N LEU A 284 8.91 -7.04 -9.54
CA LEU A 284 7.86 -6.42 -10.35
C LEU A 284 7.11 -7.46 -11.20
N ASN A 285 7.84 -8.43 -11.76
CA ASN A 285 7.18 -9.52 -12.48
C ASN A 285 6.28 -10.33 -11.54
N GLY A 286 6.71 -10.55 -10.30
CA GLY A 286 5.91 -11.32 -9.36
C GLY A 286 4.62 -10.63 -8.95
N LEU A 287 4.54 -9.31 -9.12
CA LEU A 287 3.34 -8.55 -8.84
C LEU A 287 2.31 -8.61 -9.96
N ARG A 288 2.65 -9.17 -11.12
CA ARG A 288 1.70 -9.35 -12.22
C ARG A 288 1.02 -10.71 -12.08
N THR A 289 -0.25 -10.70 -11.70
CA THR A 289 -1.03 -11.93 -11.64
C THR A 289 -2.46 -11.66 -12.08
N ASP A 290 -3.03 -12.60 -12.84
CA ASP A 290 -4.39 -12.44 -13.34
C ASP A 290 -5.43 -12.45 -12.22
N THR A 291 -5.07 -12.94 -11.03
CA THR A 291 -6.02 -13.04 -9.93
C THR A 291 -6.36 -11.69 -9.31
N LYS A 292 -5.50 -10.69 -9.50
CA LYS A 292 -5.65 -9.39 -8.81
C LYS A 292 -6.81 -8.55 -9.37
N ASN A 293 -7.36 -8.88 -10.54
CA ASN A 293 -8.46 -8.11 -11.11
C ASN A 293 -9.83 -8.64 -10.73
N HIS A 294 -9.89 -9.66 -9.87
CA HIS A 294 -11.18 -10.27 -9.51
C HIS A 294 -11.99 -9.31 -8.64
N ASP A 295 -13.17 -8.95 -9.14
CA ASP A 295 -14.12 -8.10 -8.42
C ASP A 295 -15.22 -9.01 -7.86
N PHE A 296 -15.44 -8.93 -6.55
CA PHE A 296 -16.52 -9.71 -5.94
C PHE A 296 -17.87 -9.36 -6.54
N PHE A 297 -18.10 -8.07 -6.85
CA PHE A 297 -19.39 -7.63 -7.39
C PHE A 297 -19.64 -8.11 -8.81
N SER A 298 -18.70 -8.81 -9.44
CA SER A 298 -18.91 -9.38 -10.77
C SER A 298 -18.69 -10.90 -10.75
N MET B 1 2.47 24.51 -22.50
CA MET B 1 1.21 23.82 -22.73
C MET B 1 0.49 23.54 -21.41
N LEU B 2 -0.85 23.63 -21.46
CA LEU B 2 -1.67 23.51 -20.27
C LEU B 2 -1.74 22.07 -19.77
N VAL B 3 -1.69 21.89 -18.45
CA VAL B 3 -1.89 20.59 -17.82
C VAL B 3 -3.20 20.62 -17.04
N ALA B 4 -4.11 19.72 -17.36
CA ALA B 4 -5.33 19.50 -16.59
C ALA B 4 -5.16 18.23 -15.75
N TYR B 5 -5.64 18.27 -14.51
CA TYR B 5 -5.40 17.12 -13.63
C TYR B 5 -6.51 16.99 -12.60
N ASP B 6 -6.52 15.84 -11.94
CA ASP B 6 -7.42 15.56 -10.84
C ASP B 6 -6.65 14.77 -9.80
N SER B 7 -6.99 14.99 -8.53
CA SER B 7 -6.28 14.37 -7.41
C SER B 7 -7.28 14.15 -6.30
N MET B 8 -7.27 12.96 -5.70
CA MET B 8 -8.14 12.72 -4.56
C MET B 8 -7.40 12.83 -3.22
N THR B 9 -6.23 12.22 -3.09
CA THR B 9 -5.49 12.27 -1.83
C THR B 9 -4.18 13.05 -1.95
N GLY B 10 -4.00 13.84 -3.00
CA GLY B 10 -2.93 14.82 -3.09
C GLY B 10 -1.69 14.40 -3.86
N ASN B 11 -1.56 13.14 -4.25
CA ASN B 11 -0.31 12.73 -4.90
C ASN B 11 -0.12 13.42 -6.25
N VAL B 12 -1.16 13.43 -7.09
CA VAL B 12 -1.05 14.11 -8.38
C VAL B 12 -0.85 15.61 -8.17
N LYS B 13 -1.54 16.18 -7.19
CA LYS B 13 -1.36 17.58 -6.87
C LYS B 13 0.11 17.90 -6.56
N ARG B 14 0.77 17.03 -5.80
CA ARG B 14 2.18 17.24 -5.48
C ARG B 14 3.06 17.08 -6.72
N PHE B 15 2.76 16.08 -7.56
CA PHE B 15 3.49 15.94 -8.82
C PHE B 15 3.38 17.22 -9.65
N ILE B 16 2.19 17.81 -9.71
CA ILE B 16 1.96 19.02 -10.49
C ILE B 16 2.89 20.14 -10.04
N HIS B 17 3.06 20.29 -8.73
CA HIS B 17 3.85 21.40 -8.23
C HIS B 17 5.33 21.22 -8.52
N LYS B 18 5.78 20.01 -8.86
CA LYS B 18 7.16 19.83 -9.31
C LYS B 18 7.37 20.27 -10.75
N LEU B 19 6.31 20.39 -11.54
CA LEU B 19 6.45 20.57 -12.98
C LEU B 19 6.79 21.99 -13.38
N ASN B 20 6.38 22.99 -12.60
CA ASN B 20 6.49 24.40 -12.99
C ASN B 20 5.87 24.65 -14.36
N MET B 21 4.73 24.05 -14.60
CA MET B 21 3.97 24.27 -15.81
C MET B 21 2.59 24.83 -15.46
N PRO B 22 1.96 25.58 -16.36
CA PRO B 22 0.58 26.00 -16.11
C PRO B 22 -0.32 24.78 -15.96
N ALA B 23 -1.07 24.74 -14.86
CA ALA B 23 -1.87 23.57 -14.53
C ALA B 23 -3.13 24.01 -13.82
N VAL B 24 -4.20 23.24 -14.00
CA VAL B 24 -5.50 23.56 -13.41
C VAL B 24 -6.20 22.26 -13.03
N GLN B 25 -6.78 22.23 -11.83
CA GLN B 25 -7.54 21.07 -11.39
C GLN B 25 -8.92 21.10 -12.03
N ILE B 26 -9.38 19.94 -12.46
CA ILE B 26 -10.64 19.87 -13.20
C ILE B 26 -11.80 19.84 -12.22
N ASP B 27 -12.94 20.37 -12.66
CA ASP B 27 -14.21 20.15 -11.97
C ASP B 27 -15.27 19.83 -13.01
N GLU B 28 -16.53 19.73 -12.60
CA GLU B 28 -17.55 19.27 -13.53
C GLU B 28 -17.84 20.29 -14.63
N ASP B 29 -17.74 21.58 -14.31
CA ASP B 29 -18.10 22.64 -15.26
C ASP B 29 -16.96 23.04 -16.19
N LEU B 30 -15.72 22.65 -15.89
CA LEU B 30 -14.55 23.25 -16.53
C LEU B 30 -14.51 22.95 -18.02
N VAL B 31 -14.23 23.98 -18.81
CA VAL B 31 -14.06 23.86 -20.25
C VAL B 31 -12.69 24.41 -20.61
N ILE B 32 -11.83 23.56 -21.17
CA ILE B 32 -10.54 23.96 -21.71
C ILE B 32 -10.69 24.14 -23.22
N ASP B 33 -10.29 25.29 -23.74
CA ASP B 33 -10.32 25.47 -25.19
C ASP B 33 -8.93 25.74 -25.75
N GLU B 34 -7.96 24.96 -25.28
CA GLU B 34 -6.64 24.92 -25.89
C GLU B 34 -6.01 23.58 -25.55
N ASP B 35 -5.02 23.19 -26.35
CA ASP B 35 -4.39 21.88 -26.20
C ASP B 35 -3.95 21.66 -24.75
N PHE B 36 -4.18 20.45 -24.25
CA PHE B 36 -3.77 20.17 -22.88
C PHE B 36 -3.32 18.73 -22.76
N ILE B 37 -2.55 18.48 -21.72
CA ILE B 37 -2.16 17.14 -21.27
C ILE B 37 -2.94 16.83 -19.99
N LEU B 38 -3.52 15.64 -19.92
CA LEU B 38 -4.26 15.23 -18.74
C LEU B 38 -3.40 14.34 -17.85
N ILE B 39 -3.37 14.63 -16.56
CA ILE B 39 -2.82 13.73 -15.56
C ILE B 39 -3.95 13.29 -14.65
N THR B 40 -4.19 11.99 -14.57
CA THR B 40 -5.23 11.45 -13.71
C THR B 40 -4.61 10.46 -12.73
N TYR B 41 -5.30 10.23 -11.62
CA TYR B 41 -4.93 9.10 -10.77
C TYR B 41 -5.72 7.88 -11.20
N THR B 42 -5.42 6.74 -10.58
CA THR B 42 -6.04 5.47 -10.95
C THR B 42 -6.85 4.99 -9.75
N THR B 43 -8.10 4.63 -9.99
CA THR B 43 -8.94 4.20 -8.89
C THR B 43 -9.54 2.83 -9.22
N GLY B 44 -10.29 2.27 -8.27
CA GLY B 44 -11.01 1.04 -8.56
C GLY B 44 -10.05 -0.06 -8.97
N PHE B 45 -10.42 -0.80 -10.01
CA PHE B 45 -9.59 -1.87 -10.57
C PHE B 45 -8.99 -1.41 -11.89
N GLY B 46 -8.03 -0.49 -11.82
CA GLY B 46 -7.46 0.05 -13.04
C GLY B 46 -8.36 1.02 -13.76
N ASN B 47 -9.21 1.73 -13.03
CA ASN B 47 -10.27 2.52 -13.64
C ASN B 47 -9.96 4.02 -13.63
N VAL B 48 -10.64 4.73 -14.52
CA VAL B 48 -10.57 6.20 -14.58
C VAL B 48 -11.56 6.77 -13.58
N PRO B 49 -11.17 7.77 -12.77
CA PRO B 49 -12.15 8.40 -11.87
C PRO B 49 -13.30 9.00 -12.68
N GLU B 50 -14.51 8.93 -12.10
CA GLU B 50 -15.69 9.35 -12.84
C GLU B 50 -15.63 10.83 -13.22
N ARG B 51 -15.06 11.68 -12.35
CA ARG B 51 -14.98 13.10 -12.68
C ARG B 51 -14.11 13.35 -13.90
N VAL B 52 -13.03 12.57 -14.04
CA VAL B 52 -12.19 12.67 -15.22
C VAL B 52 -12.95 12.21 -16.47
N LEU B 53 -13.72 11.11 -16.34
CA LEU B 53 -14.53 10.63 -17.45
C LEU B 53 -15.52 11.69 -17.92
N ASP B 54 -16.24 12.30 -16.98
CA ASP B 54 -17.21 13.33 -17.34
C ASP B 54 -16.53 14.52 -17.99
N PHE B 55 -15.39 14.96 -17.44
CA PHE B 55 -14.64 16.08 -18.00
C PHE B 55 -14.22 15.80 -19.44
N LEU B 56 -13.81 14.55 -19.72
CA LEU B 56 -13.33 14.22 -21.06
C LEU B 56 -14.46 14.18 -22.09
N GLU B 57 -15.70 13.89 -21.67
CA GLU B 57 -16.82 13.93 -22.61
C GLU B 57 -16.96 15.29 -23.28
N ARG B 58 -16.63 16.37 -22.54
CA ARG B 58 -16.78 17.71 -23.08
C ARG B 58 -15.49 18.27 -23.68
N ASN B 59 -14.33 17.72 -23.31
CA ASN B 59 -13.06 18.36 -23.59
C ASN B 59 -12.10 17.49 -24.39
N ASN B 60 -12.55 16.38 -24.98
CA ASN B 60 -11.60 15.45 -25.58
C ASN B 60 -11.04 15.95 -26.91
N GLU B 61 -11.69 16.94 -27.53
CA GLU B 61 -11.17 17.46 -28.80
C GLU B 61 -9.82 18.14 -28.63
N LYS B 62 -9.51 18.66 -27.45
CA LYS B 62 -8.25 19.34 -27.21
C LYS B 62 -7.24 18.49 -26.44
N LEU B 63 -7.58 17.23 -26.12
CA LEU B 63 -6.68 16.34 -25.38
C LEU B 63 -5.55 15.85 -26.29
N LYS B 64 -4.29 16.05 -25.85
CA LYS B 64 -3.14 15.64 -26.64
C LYS B 64 -2.34 14.49 -26.03
N GLY B 65 -2.59 14.12 -24.78
CA GLY B 65 -1.85 13.03 -24.15
C GLY B 65 -2.33 12.87 -22.72
N VAL B 66 -1.97 11.72 -22.13
CA VAL B 66 -2.38 11.42 -20.77
C VAL B 66 -1.23 10.76 -20.01
N SER B 67 -1.03 11.19 -18.76
CA SER B 67 -0.21 10.48 -17.78
C SER B 67 -1.10 9.98 -16.65
N ALA B 68 -0.64 8.93 -15.97
CA ALA B 68 -1.38 8.40 -14.83
C ALA B 68 -0.45 8.18 -13.65
N SER B 69 -0.91 8.58 -12.48
CA SER B 69 -0.33 8.18 -11.21
C SER B 69 -0.99 6.90 -10.73
N GLY B 70 -0.21 6.01 -10.13
CA GLY B 70 -0.76 4.79 -9.58
C GLY B 70 0.20 4.20 -8.54
N ASN B 71 0.19 2.87 -8.43
CA ASN B 71 1.04 2.15 -7.49
C ASN B 71 1.34 0.80 -8.13
N ARG B 72 2.64 0.47 -8.28
CA ARG B 72 3.03 -0.79 -8.89
CA ARG B 72 3.00 -0.79 -8.92
C ARG B 72 2.51 -2.01 -8.14
N ASN B 73 2.05 -1.85 -6.90
CA ASN B 73 1.39 -2.95 -6.20
C ASN B 73 0.19 -3.50 -6.98
N TRP B 74 -0.38 -2.73 -7.91
CA TRP B 74 -1.55 -3.17 -8.66
C TRP B 74 -1.21 -3.99 -9.90
N GLY B 75 0.05 -4.41 -10.06
CA GLY B 75 0.35 -5.37 -11.12
C GLY B 75 0.07 -4.78 -12.49
N ASP B 76 -0.64 -5.53 -13.32
CA ASP B 76 -1.00 -5.03 -14.65
C ASP B 76 -2.03 -3.91 -14.62
N MET B 77 -2.68 -3.66 -13.49
CA MET B 77 -3.55 -2.49 -13.39
C MET B 77 -2.79 -1.22 -13.03
N PHE B 78 -1.46 -1.27 -12.96
CA PHE B 78 -0.67 -0.08 -12.64
C PHE B 78 -0.95 1.02 -13.66
N GLY B 79 -1.45 2.16 -13.20
CA GLY B 79 -1.68 3.30 -14.08
C GLY B 79 -2.61 3.00 -15.26
N ALA B 80 -3.51 2.03 -15.11
CA ALA B 80 -4.29 1.55 -16.26
C ALA B 80 -5.36 2.56 -16.68
N SER B 81 -5.63 3.58 -15.88
CA SER B 81 -6.47 4.68 -16.31
C SER B 81 -5.90 5.34 -17.56
N ALA B 82 -4.57 5.41 -17.67
CA ALA B 82 -3.96 5.95 -18.88
C ALA B 82 -4.26 5.10 -20.10
N ASP B 83 -4.16 3.77 -19.96
CA ASP B 83 -4.43 2.88 -21.10
C ASP B 83 -5.86 3.05 -21.61
N LYS B 84 -6.83 3.14 -20.69
CA LYS B 84 -8.22 3.26 -21.10
C LYS B 84 -8.48 4.58 -21.82
N ILE B 85 -7.89 5.68 -21.34
CA ILE B 85 -8.06 6.97 -22.00
C ILE B 85 -7.31 7.00 -23.32
N SER B 86 -6.12 6.39 -23.36
CA SER B 86 -5.32 6.36 -24.59
C SER B 86 -6.04 5.63 -25.72
N THR B 87 -6.61 4.45 -25.44
CA THR B 87 -7.32 3.74 -26.48
C THR B 87 -8.68 4.38 -26.79
N LYS B 88 -9.35 4.95 -25.79
CA LYS B 88 -10.66 5.56 -26.04
C LYS B 88 -10.57 6.76 -26.98
N TYR B 89 -9.56 7.61 -26.80
CA TYR B 89 -9.47 8.87 -27.53
C TYR B 89 -8.27 8.94 -28.46
N GLU B 90 -7.53 7.85 -28.61
CA GLU B 90 -6.45 7.77 -29.60
C GLU B 90 -5.40 8.86 -29.35
N VAL B 91 -5.02 9.02 -28.09
CA VAL B 91 -3.95 9.96 -27.73
C VAL B 91 -2.84 9.15 -27.08
N PRO B 92 -1.59 9.60 -27.15
CA PRO B 92 -0.50 8.82 -26.55
C PRO B 92 -0.55 8.81 -25.03
N ILE B 93 -0.02 7.73 -24.46
CA ILE B 93 0.32 7.72 -23.05
C ILE B 93 1.61 8.49 -22.89
N VAL B 94 1.57 9.60 -22.16
CA VAL B 94 2.78 10.36 -21.90
C VAL B 94 3.72 9.59 -21.00
N SER B 95 3.22 9.10 -19.86
CA SER B 95 4.02 8.36 -18.89
C SER B 95 3.11 7.84 -17.79
N LYS B 96 3.62 6.86 -17.05
CA LYS B 96 3.02 6.37 -15.81
C LYS B 96 4.03 6.54 -14.69
N PHE B 97 3.54 6.93 -13.51
CA PHE B 97 4.43 7.12 -12.37
C PHE B 97 3.69 6.71 -11.10
N GLU B 98 4.47 6.48 -10.05
CA GLU B 98 3.95 6.02 -8.77
C GLU B 98 3.72 7.20 -7.84
N LEU B 99 2.55 7.25 -7.22
CA LEU B 99 2.17 8.28 -6.23
C LEU B 99 2.56 9.68 -6.69
N SER B 100 3.42 10.37 -5.95
CA SER B 100 3.82 11.74 -6.30
C SER B 100 4.97 11.82 -7.31
N GLY B 101 5.49 10.67 -7.75
CA GLY B 101 6.51 10.66 -8.77
C GLY B 101 7.90 10.91 -8.21
N THR B 102 8.91 10.37 -8.90
CA THR B 102 10.31 10.63 -8.62
C THR B 102 10.81 11.79 -9.48
N ASN B 103 12.01 12.26 -9.19
CA ASN B 103 12.59 13.31 -10.02
C ASN B 103 12.81 12.83 -11.45
N ASN B 104 13.10 11.53 -11.63
CA ASN B 104 13.20 11.00 -12.98
C ASN B 104 11.84 11.01 -13.68
N ASP B 105 10.75 10.76 -12.94
CA ASP B 105 9.42 10.85 -13.51
C ASP B 105 9.11 12.25 -14.02
N VAL B 106 9.50 13.27 -13.26
CA VAL B 106 9.28 14.64 -13.69
C VAL B 106 9.99 14.93 -15.00
N GLU B 107 11.29 14.62 -15.06
CA GLU B 107 12.07 14.94 -16.24
C GLU B 107 11.63 14.11 -17.44
N TYR B 108 11.24 12.86 -17.21
CA TYR B 108 10.73 12.04 -18.30
C TYR B 108 9.45 12.65 -18.87
N PHE B 109 8.57 13.14 -17.99
CA PHE B 109 7.33 13.78 -18.43
C PHE B 109 7.61 15.00 -19.29
N LYS B 110 8.45 15.92 -18.79
CA LYS B 110 8.73 17.14 -19.52
C LYS B 110 9.38 16.86 -20.87
N GLU B 111 10.21 15.81 -20.94
CA GLU B 111 10.79 15.42 -22.22
C GLU B 111 9.75 14.83 -23.15
N ARG B 112 8.83 14.04 -22.59
CA ARG B 112 7.77 13.44 -23.40
C ARG B 112 6.85 14.51 -23.98
N VAL B 113 6.53 15.56 -23.22
CA VAL B 113 5.57 16.55 -23.71
C VAL B 113 6.21 17.42 -24.78
N ARG B 114 7.47 17.81 -24.59
CA ARG B 114 8.19 18.53 -25.64
C ARG B 114 8.25 17.71 -26.92
N GLU B 115 8.42 16.39 -26.78
CA GLU B 115 8.35 15.50 -27.93
C GLU B 115 6.97 15.54 -28.59
N ILE B 116 5.90 15.51 -27.79
CA ILE B 116 4.55 15.45 -28.35
C ILE B 116 4.17 16.77 -29.02
N ALA B 117 4.53 17.90 -28.41
CA ALA B 117 4.09 19.20 -28.87
C ALA B 117 4.61 19.58 -30.26
N THR B 118 5.20 18.61 -30.98
CA THR B 118 5.57 18.81 -32.38
C THR B 118 4.94 17.72 -33.24
MN MN C . -2.95 -7.96 6.40
MN MN D . -3.79 -4.27 6.55
C9A FNR E . -5.72 2.94 -6.00
N10 FNR E . -4.51 3.09 -6.73
CAA FNR E . -4.34 2.32 -7.86
N1 FNR E . -3.14 2.46 -8.56
C2 FNR E . -2.90 1.73 -9.73
O2 FNR E . -1.84 1.87 -10.33
N3 FNR E . -3.91 0.88 -10.17
C4 FNR E . -5.16 0.70 -9.52
O4 FNR E . -5.98 -0.08 -9.99
C4A FNR E . -5.31 1.47 -8.31
N5 FNR E . -6.54 1.33 -7.63
C5A FNR E . -6.73 2.06 -6.47
C6 FNR E . -7.92 1.93 -5.78
C7 FNR E . -8.12 2.68 -4.62
C7M FNR E . -9.40 2.53 -3.89
C8 FNR E . -7.14 3.54 -4.15
C8M FNR E . -7.33 4.33 -2.91
C9 FNR E . -5.92 3.67 -4.84
C1' FNR E . -3.44 3.95 -6.25
C2' FNR E . -3.65 5.44 -6.62
O2' FNR E . -3.92 5.56 -7.98
C3' FNR E . -2.40 6.19 -6.15
O3' FNR E . -2.35 6.17 -4.75
C4' FNR E . -2.42 7.61 -6.76
O4' FNR E . -1.20 8.23 -6.49
C5' FNR E . -3.65 8.37 -6.22
O5' FNR E . -3.42 9.65 -6.63
P FNR E . -4.08 11.03 -5.65
O1P FNR E . -5.56 10.71 -5.58
O2P FNR E . -3.71 12.10 -6.71
O3P FNR E . -3.25 10.99 -4.39
UNK UNX F . -1.07 4.03 -3.26
#